data_7G9Q
#
_entry.id   7G9Q
#
_cell.length_a   53.923
_cell.length_b   70.179
_cell.length_c   57.750
_cell.angle_alpha   90.000
_cell.angle_beta   93.070
_cell.angle_gamma   90.000
#
_symmetry.space_group_name_H-M   'P 1 21 1'
#
loop_
_entity.id
_entity.type
_entity.pdbx_description
1 polymer 'Serine protease NS3'
2 non-polymer 1,2-ETHANEDIOL
3 non-polymer 'PHOSPHATE ION'
4 non-polymer (4S)-2-METHYL-2,4-PENTANEDIOL
5 non-polymer N,N-dimethylpyridine-3-sulfonamide
6 water water
#
_entity_poly.entity_id   1
_entity_poly.type   'polypeptide(L)'
_entity_poly.pdbx_seq_one_letter_code
;MLKKKQLTVLDLHPGAGKTRRVLPEIVREAIKKRLRTVILAPTRVVAAEMEEALRGLPVRYMTTAVNVTHSGTEIVDLMC
HATFTSRLLQPIRVPNYNLNIMDEAHFTDPSSIAARGYISTRVEMGEAAAIFMTATPPGTRDAFPDSNSPIMDTEVEVPE
RAWSSGFDWVTDHSGKTVWFVPSVRNGNEIAACLTKAGKRVIQLSRKTFETEFQKTKNQEWDFVITTDISEMGANFKADR
VIDSRRCLKPVILDGERVILAGPMPVTHASAAQRRGRIGRNPNKPGDEYMYGGGCAETDEGHAHWLEARMLLDNIYLQDG
LIASLYRPEADKVAAIEGEFKLRTEQRKTFVELMKRGDLPVWLAYQVASAGITYTDRRWCFDGTTNNTIMEDSVPAEVWT
KYGEKRVLKPRWMDARVCSDHAALKSFKEFAAGKR
;
_entity_poly.pdbx_strand_id   A
#
# COMPACT_ATOMS: atom_id res chain seq x y z
N MET A 1 -19.55 -2.31 19.28
CA MET A 1 -19.01 -2.12 17.93
C MET A 1 -19.74 -3.03 16.92
N LEU A 2 -19.97 -4.30 17.33
CA LEU A 2 -20.55 -5.39 16.53
C LEU A 2 -22.02 -5.19 16.13
N LYS A 3 -22.78 -4.41 16.91
CA LYS A 3 -24.17 -4.07 16.60
C LYS A 3 -24.23 -3.30 15.27
N LYS A 4 -25.23 -3.60 14.43
CA LYS A 4 -25.40 -3.00 13.09
C LYS A 4 -25.46 -1.44 13.08
N LYS A 5 -25.32 -0.85 11.87
CA LYS A 5 -25.32 0.59 11.58
C LYS A 5 -24.22 1.36 12.32
N GLN A 6 -23.14 0.67 12.71
CA GLN A 6 -22.07 1.34 13.42
C GLN A 6 -20.72 1.11 12.79
N LEU A 7 -20.03 2.21 12.51
CA LEU A 7 -18.68 2.23 12.03
C LEU A 7 -17.88 2.66 13.26
N THR A 8 -17.04 1.78 13.78
CA THR A 8 -16.22 2.09 14.94
C THR A 8 -14.78 2.29 14.47
N VAL A 9 -14.10 3.33 14.98
CA VAL A 9 -12.70 3.58 14.67
C VAL A 9 -11.89 3.26 15.92
N LEU A 10 -11.11 2.19 15.89
CA LEU A 10 -10.28 1.79 17.01
C LEU A 10 -8.92 2.45 16.81
N ASP A 11 -8.72 3.60 17.47
CA ASP A 11 -7.52 4.38 17.30
C ASP A 11 -6.51 4.31 18.47
N LEU A 12 -6.25 3.12 19.01
CA LEU A 12 -5.25 2.96 20.06
C LEU A 12 -3.85 3.22 19.47
N HIS A 13 -2.97 3.87 20.25
CA HIS A 13 -1.61 4.24 19.86
C HIS A 13 -0.78 3.05 19.31
N PRO A 14 0.26 3.29 18.49
CA PRO A 14 1.09 2.16 18.00
C PRO A 14 1.68 1.26 19.10
N GLY A 15 1.48 -0.04 18.94
CA GLY A 15 1.96 -1.01 19.90
C GLY A 15 1.00 -1.33 21.04
N ALA A 16 -0.25 -0.84 20.97
CA ALA A 16 -1.23 -1.08 22.04
C ALA A 16 -1.76 -2.50 22.06
N GLY A 17 -1.73 -3.19 20.92
CA GLY A 17 -2.20 -4.56 20.86
C GLY A 17 -3.50 -4.77 20.09
N LYS A 18 -3.79 -3.90 19.12
CA LYS A 18 -5.00 -4.03 18.30
C LYS A 18 -5.02 -5.29 17.42
N THR A 19 -3.87 -5.84 17.00
CA THR A 19 -3.85 -7.04 16.14
C THR A 19 -3.62 -8.35 16.92
N ARG A 20 -2.86 -8.33 18.04
CA ARG A 20 -2.63 -9.58 18.79
C ARG A 20 -3.52 -9.75 20.01
N ARG A 21 -4.19 -8.70 20.47
CA ARG A 21 -5.05 -8.83 21.66
C ARG A 21 -6.48 -8.39 21.40
N VAL A 22 -6.69 -7.24 20.74
CA VAL A 22 -8.04 -6.74 20.52
C VAL A 22 -8.78 -7.51 19.43
N LEU A 23 -8.09 -7.81 18.33
CA LEU A 23 -8.66 -8.54 17.19
C LEU A 23 -9.22 -9.95 17.55
N PRO A 24 -8.50 -10.81 18.33
CA PRO A 24 -9.06 -12.11 18.68
C PRO A 24 -10.32 -12.00 19.54
N GLU A 25 -10.41 -10.97 20.38
CA GLU A 25 -11.60 -10.75 21.19
C GLU A 25 -12.82 -10.46 20.32
N ILE A 26 -12.69 -9.54 19.36
CA ILE A 26 -13.77 -9.20 18.43
C ILE A 26 -14.22 -10.41 17.61
N VAL A 27 -13.27 -11.26 17.20
CA VAL A 27 -13.52 -12.46 16.42
C VAL A 27 -14.31 -13.49 17.24
N ARG A 28 -13.93 -13.68 18.52
CA ARG A 28 -14.64 -14.61 19.40
C ARG A 28 -16.09 -14.16 19.57
N GLU A 29 -16.30 -12.87 19.80
CA GLU A 29 -17.63 -12.31 19.99
C GLU A 29 -18.45 -12.37 18.69
N ALA A 30 -17.83 -12.18 17.51
CA ALA A 30 -18.54 -12.27 16.23
C ALA A 30 -19.00 -13.71 15.93
N ILE A 31 -18.14 -14.67 16.28
CA ILE A 31 -18.43 -16.08 16.10
C ILE A 31 -19.58 -16.45 17.05
N LYS A 32 -19.51 -16.02 18.32
CA LYS A 32 -20.57 -16.23 19.31
C LYS A 32 -21.94 -15.63 18.85
N LYS A 33 -21.92 -14.47 18.17
CA LYS A 33 -23.12 -13.79 17.71
C LYS A 33 -23.61 -14.18 16.32
N ARG A 34 -22.94 -15.15 15.66
CA ARG A 34 -23.24 -15.63 14.30
C ARG A 34 -23.17 -14.56 13.22
N LEU A 35 -22.17 -13.68 13.31
CA LEU A 35 -21.98 -12.64 12.33
C LEU A 35 -20.99 -13.15 11.30
N ARG A 36 -21.38 -13.10 10.02
CA ARG A 36 -20.53 -13.42 8.90
C ARG A 36 -19.52 -12.26 8.85
N THR A 37 -18.25 -12.59 9.04
CA THR A 37 -17.21 -11.60 9.23
C THR A 37 -16.08 -11.70 8.24
N VAL A 38 -15.57 -10.54 7.83
CA VAL A 38 -14.39 -10.45 6.99
C VAL A 38 -13.33 -9.69 7.78
N ILE A 39 -12.09 -10.18 7.75
CA ILE A 39 -10.94 -9.54 8.37
C ILE A 39 -10.03 -9.12 7.22
N LEU A 40 -9.68 -7.83 7.13
CA LEU A 40 -8.86 -7.34 6.03
C LEU A 40 -7.45 -6.97 6.49
N ALA A 41 -6.46 -7.70 5.97
CA ALA A 41 -5.04 -7.47 6.26
C ALA A 41 -4.44 -6.58 5.15
N PRO A 42 -3.55 -5.63 5.50
CA PRO A 42 -2.95 -4.80 4.43
C PRO A 42 -2.03 -5.62 3.52
N THR A 43 -1.21 -6.51 4.09
CA THR A 43 -0.24 -7.30 3.33
C THR A 43 -0.31 -8.81 3.71
N ARG A 44 0.43 -9.65 2.95
CA ARG A 44 0.49 -11.08 3.21
CA ARG A 44 0.49 -11.09 3.19
C ARG A 44 1.28 -11.39 4.48
N VAL A 45 2.25 -10.55 4.82
CA VAL A 45 3.07 -10.72 6.03
C VAL A 45 2.19 -10.53 7.26
N VAL A 46 1.30 -9.52 7.25
CA VAL A 46 0.37 -9.26 8.34
C VAL A 46 -0.73 -10.35 8.42
N ALA A 47 -1.08 -11.01 7.29
CA ALA A 47 -2.04 -12.11 7.28
C ALA A 47 -1.45 -13.35 8.00
N ALA A 48 -0.14 -13.58 7.84
CA ALA A 48 0.55 -14.68 8.54
C ALA A 48 0.76 -14.35 10.03
N GLU A 49 0.74 -13.06 10.41
CA GLU A 49 0.86 -12.63 11.79
C GLU A 49 -0.51 -12.74 12.47
N MET A 50 -1.57 -12.37 11.75
CA MET A 50 -2.93 -12.53 12.25
C MET A 50 -3.27 -14.01 12.46
N GLU A 51 -2.70 -14.91 11.65
CA GLU A 51 -2.94 -16.34 11.84
C GLU A 51 -2.37 -16.82 13.18
N GLU A 52 -1.19 -16.32 13.57
CA GLU A 52 -0.60 -16.71 14.84
C GLU A 52 -1.47 -16.22 16.01
N ALA A 53 -2.00 -14.99 15.89
CA ALA A 53 -2.86 -14.38 16.90
C ALA A 53 -4.21 -15.09 17.02
N LEU A 54 -4.78 -15.50 15.90
CA LEU A 54 -6.10 -16.13 15.85
C LEU A 54 -6.06 -17.66 15.83
N ARG A 55 -4.87 -18.28 15.99
CA ARG A 55 -4.73 -19.74 15.92
C ARG A 55 -5.67 -20.47 16.84
N GLY A 56 -6.41 -21.42 16.29
CA GLY A 56 -7.38 -22.19 17.06
C GLY A 56 -8.81 -21.79 16.74
N LEU A 57 -9.02 -20.49 16.51
CA LEU A 57 -10.31 -19.91 16.13
C LEU A 57 -10.64 -20.32 14.70
N PRO A 58 -11.93 -20.62 14.43
CA PRO A 58 -12.31 -21.02 13.06
C PRO A 58 -12.29 -19.86 12.04
N VAL A 59 -11.15 -19.67 11.39
CA VAL A 59 -10.99 -18.62 10.39
C VAL A 59 -10.65 -19.22 9.03
N ARG A 60 -11.35 -18.81 7.96
CA ARG A 60 -11.05 -19.24 6.60
C ARG A 60 -10.06 -18.20 6.03
N TYR A 61 -8.85 -18.64 5.70
CA TYR A 61 -7.79 -17.80 5.20
C TYR A 61 -7.76 -17.87 3.70
N MET A 62 -8.28 -16.82 3.07
CA MET A 62 -8.35 -16.71 1.62
C MET A 62 -7.11 -15.99 1.13
N THR A 63 -5.95 -16.60 1.43
CA THR A 63 -4.62 -16.12 1.10
C THR A 63 -3.65 -17.31 1.01
N THR A 64 -2.68 -17.23 0.10
CA THR A 64 -1.67 -18.29 -0.02
C THR A 64 -0.51 -18.11 0.97
N ALA A 65 -0.47 -16.99 1.71
CA ALA A 65 0.53 -16.74 2.74
C ALA A 65 0.29 -17.58 4.00
N VAL A 66 -0.89 -18.25 4.12
CA VAL A 66 -1.24 -19.11 5.23
C VAL A 66 -1.54 -20.46 4.63
N ASN A 67 -0.86 -21.50 5.12
CA ASN A 67 -0.96 -22.86 4.64
C ASN A 67 -1.89 -23.68 5.52
N VAL A 68 -3.14 -23.21 5.67
CA VAL A 68 -4.13 -23.97 6.42
C VAL A 68 -5.32 -24.25 5.53
N THR A 69 -5.76 -25.52 5.53
CA THR A 69 -6.96 -25.90 4.78
C THR A 69 -8.15 -25.74 5.75
N HIS A 70 -9.27 -25.31 5.20
CA HIS A 70 -10.44 -25.00 6.00
C HIS A 70 -11.45 -26.14 6.06
N SER A 71 -12.08 -26.30 7.24
CA SER A 71 -13.07 -27.33 7.56
C SER A 71 -14.44 -27.13 6.91
N GLY A 72 -14.73 -25.92 6.44
CA GLY A 72 -16.03 -25.63 5.84
C GLY A 72 -17.05 -25.07 6.82
N THR A 73 -16.75 -25.12 8.11
CA THR A 73 -17.65 -24.58 9.13
C THR A 73 -17.33 -23.13 9.53
N GLU A 74 -16.42 -22.45 8.81
CA GLU A 74 -16.02 -21.08 9.18
C GLU A 74 -16.98 -19.99 8.71
N ILE A 75 -17.33 -19.05 9.63
CA ILE A 75 -18.12 -17.84 9.28
C ILE A 75 -17.26 -16.57 9.26
N VAL A 76 -15.95 -16.68 9.51
CA VAL A 76 -15.04 -15.56 9.45
C VAL A 76 -14.04 -15.85 8.37
N ASP A 77 -13.91 -14.94 7.39
CA ASP A 77 -12.95 -15.03 6.30
C ASP A 77 -11.87 -13.99 6.51
N LEU A 78 -10.62 -14.31 6.18
CA LEU A 78 -9.51 -13.36 6.28
C LEU A 78 -8.86 -13.22 4.89
N MET A 79 -8.75 -11.98 4.40
CA MET A 79 -8.12 -11.72 3.11
C MET A 79 -7.39 -10.35 3.10
N CYS A 80 -6.60 -10.05 2.07
CA CYS A 80 -5.92 -8.77 1.99
C CYS A 80 -6.89 -7.67 1.53
N HIS A 81 -6.53 -6.38 1.73
CA HIS A 81 -7.37 -5.27 1.29
C HIS A 81 -7.61 -5.31 -0.22
N ALA A 82 -6.53 -5.64 -1.00
CA ALA A 82 -6.55 -5.72 -2.46
C ALA A 82 -7.39 -6.88 -2.95
N THR A 83 -7.31 -8.03 -2.26
CA THR A 83 -8.10 -9.22 -2.56
C THR A 83 -9.59 -8.95 -2.45
N PHE A 84 -10.01 -8.22 -1.39
CA PHE A 84 -11.42 -7.88 -1.16
C PHE A 84 -11.98 -7.06 -2.33
N THR A 85 -11.27 -5.94 -2.70
CA THR A 85 -11.63 -5.05 -3.81
C THR A 85 -11.60 -5.80 -5.15
N SER A 86 -10.59 -6.66 -5.33
CA SER A 86 -10.45 -7.47 -6.55
C SER A 86 -11.66 -8.37 -6.77
N ARG A 87 -12.11 -9.11 -5.74
CA ARG A 87 -13.30 -9.96 -5.87
C ARG A 87 -14.59 -9.13 -6.05
N LEU A 88 -14.67 -7.92 -5.46
CA LEU A 88 -15.81 -7.04 -5.69
C LEU A 88 -15.88 -6.64 -7.20
N LEU A 89 -14.72 -6.34 -7.81
CA LEU A 89 -14.64 -6.00 -9.23
C LEU A 89 -14.98 -7.18 -10.18
N GLN A 90 -14.42 -8.36 -9.90
CA GLN A 90 -14.64 -9.59 -10.68
C GLN A 90 -16.05 -10.16 -10.53
N PRO A 91 -16.55 -10.91 -11.55
CA PRO A 91 -17.90 -11.48 -11.47
C PRO A 91 -18.18 -12.44 -10.31
N ILE A 92 -17.17 -12.83 -9.53
CA ILE A 92 -17.33 -13.65 -8.31
C ILE A 92 -18.30 -12.95 -7.31
N ARG A 93 -19.19 -13.70 -6.68
CA ARG A 93 -20.14 -13.17 -5.72
C ARG A 93 -19.47 -13.04 -4.34
N VAL A 94 -19.47 -11.84 -3.76
CA VAL A 94 -18.88 -11.63 -2.44
C VAL A 94 -20.01 -11.65 -1.42
N PRO A 95 -19.89 -12.42 -0.32
CA PRO A 95 -20.97 -12.41 0.68
C PRO A 95 -21.21 -11.02 1.26
N ASN A 96 -22.45 -10.73 1.67
CA ASN A 96 -22.74 -9.43 2.28
C ASN A 96 -22.45 -9.53 3.78
N TYR A 97 -21.16 -9.49 4.15
CA TYR A 97 -20.67 -9.59 5.53
C TYR A 97 -21.39 -8.67 6.52
N ASN A 98 -21.86 -9.24 7.64
CA ASN A 98 -22.51 -8.45 8.71
C ASN A 98 -21.49 -7.59 9.47
N LEU A 99 -20.21 -8.01 9.46
CA LEU A 99 -19.18 -7.30 10.18
C LEU A 99 -17.90 -7.31 9.31
N ASN A 100 -17.35 -6.12 9.08
CA ASN A 100 -16.17 -5.83 8.28
C ASN A 100 -15.08 -5.21 9.13
N ILE A 101 -13.97 -5.93 9.34
CA ILE A 101 -12.89 -5.40 10.17
C ILE A 101 -11.66 -5.14 9.30
N MET A 102 -11.23 -3.87 9.22
CA MET A 102 -10.06 -3.52 8.46
C MET A 102 -8.92 -3.17 9.43
N ASP A 103 -7.84 -3.96 9.41
CA ASP A 103 -6.66 -3.63 10.20
C ASP A 103 -5.76 -2.77 9.35
N GLU A 104 -5.06 -1.78 9.99
CA GLU A 104 -4.20 -0.76 9.36
C GLU A 104 -5.07 0.00 8.36
N ALA A 105 -6.22 0.49 8.85
CA ALA A 105 -7.18 1.20 8.01
C ALA A 105 -6.71 2.59 7.53
N HIS A 106 -5.42 2.90 7.72
CA HIS A 106 -4.80 4.14 7.25
C HIS A 106 -4.15 3.95 5.85
N PHE A 107 -4.00 2.69 5.35
CA PHE A 107 -3.39 2.37 4.05
C PHE A 107 -3.98 3.19 2.89
N THR A 108 -3.12 3.91 2.18
CA THR A 108 -3.52 4.84 1.13
C THR A 108 -3.41 4.26 -0.28
N ASP A 109 -3.20 2.93 -0.44
CA ASP A 109 -3.18 2.33 -1.78
C ASP A 109 -4.60 2.39 -2.33
N PRO A 110 -4.77 2.60 -3.66
CA PRO A 110 -6.13 2.73 -4.22
C PRO A 110 -7.13 1.66 -3.80
N SER A 111 -6.71 0.38 -3.73
CA SER A 111 -7.62 -0.68 -3.32
C SER A 111 -8.03 -0.59 -1.84
N SER A 112 -7.19 0.00 -0.96
CA SER A 112 -7.58 0.16 0.46
C SER A 112 -8.57 1.29 0.60
N ILE A 113 -8.35 2.40 -0.11
CA ILE A 113 -9.27 3.54 -0.08
C ILE A 113 -10.64 3.12 -0.60
N ALA A 114 -10.68 2.32 -1.71
CA ALA A 114 -11.93 1.84 -2.30
C ALA A 114 -12.68 0.90 -1.33
N ALA A 115 -11.95 -0.03 -0.68
CA ALA A 115 -12.60 -0.93 0.28
C ALA A 115 -13.22 -0.17 1.44
N ARG A 116 -12.57 0.95 1.90
CA ARG A 116 -13.13 1.77 2.96
C ARG A 116 -14.39 2.49 2.53
N GLY A 117 -14.44 2.92 1.28
CA GLY A 117 -15.59 3.59 0.72
C GLY A 117 -16.77 2.65 0.55
N TYR A 118 -16.50 1.45 0.03
CA TYR A 118 -17.54 0.43 -0.15
C TYR A 118 -18.14 0.00 1.20
N ILE A 119 -17.30 -0.32 2.20
CA ILE A 119 -17.73 -0.75 3.52
C ILE A 119 -18.48 0.36 4.27
N SER A 120 -17.97 1.60 4.25
CA SER A 120 -18.64 2.70 4.94
C SER A 120 -19.97 3.09 4.28
N THR A 121 -20.11 2.88 2.97
CA THR A 121 -21.39 3.15 2.30
C THR A 121 -22.42 2.12 2.80
N ARG A 122 -22.01 0.85 2.91
CA ARG A 122 -22.87 -0.19 3.44
C ARG A 122 -23.30 0.07 4.87
N VAL A 123 -22.42 0.62 5.75
CA VAL A 123 -22.74 0.99 7.15
C VAL A 123 -23.74 2.16 7.15
N GLU A 124 -23.52 3.16 6.29
CA GLU A 124 -24.39 4.32 6.13
C GLU A 124 -25.79 3.86 5.67
N MET A 125 -25.85 2.87 4.78
CA MET A 125 -27.10 2.27 4.25
C MET A 125 -27.88 1.43 5.28
N GLY A 126 -27.28 1.16 6.44
CA GLY A 126 -27.86 0.35 7.50
C GLY A 126 -27.78 -1.13 7.21
N GLU A 127 -26.83 -1.55 6.37
CA GLU A 127 -26.71 -2.96 6.00
C GLU A 127 -25.66 -3.73 6.78
N ALA A 128 -24.67 -3.03 7.38
CA ALA A 128 -23.59 -3.71 8.08
C ALA A 128 -22.95 -2.87 9.23
N ALA A 129 -22.09 -3.51 10.05
CA ALA A 129 -21.25 -2.90 11.07
C ALA A 129 -19.79 -2.98 10.55
N ALA A 130 -18.91 -2.12 11.07
CA ALA A 130 -17.52 -2.11 10.63
C ALA A 130 -16.58 -1.59 11.69
N ILE A 131 -15.34 -2.11 11.70
CA ILE A 131 -14.32 -1.63 12.62
C ILE A 131 -13.09 -1.30 11.78
N PHE A 132 -12.59 -0.06 11.91
CA PHE A 132 -11.43 0.42 11.18
C PHE A 132 -10.33 0.55 12.25
N MET A 133 -9.29 -0.28 12.18
CA MET A 133 -8.25 -0.29 13.19
C MET A 133 -7.02 0.43 12.71
N THR A 134 -6.66 1.57 13.32
CA THR A 134 -5.45 2.30 13.00
C THR A 134 -5.06 3.27 14.12
N ALA A 135 -3.76 3.35 14.39
CA ALA A 135 -3.25 4.35 15.32
C ALA A 135 -3.45 5.75 14.73
N THR A 136 -3.45 5.86 13.38
CA THR A 136 -3.56 7.11 12.63
C THR A 136 -4.78 7.17 11.68
N PRO A 137 -5.99 7.40 12.23
CA PRO A 137 -7.17 7.51 11.33
C PRO A 137 -7.10 8.68 10.35
N PRO A 138 -7.84 8.65 9.22
CA PRO A 138 -7.77 9.78 8.27
C PRO A 138 -8.09 11.12 8.92
N GLY A 139 -7.08 12.00 8.98
CA GLY A 139 -7.25 13.32 9.58
C GLY A 139 -6.41 13.59 10.81
N THR A 140 -5.57 12.63 11.21
CA THR A 140 -4.74 12.77 12.40
C THR A 140 -3.65 13.82 12.18
N ARG A 141 -3.42 14.66 13.17
CA ARG A 141 -2.40 15.71 13.08
C ARG A 141 -1.27 15.52 14.10
N ASP A 142 -1.19 14.35 14.76
CA ASP A 142 -0.12 14.09 15.71
C ASP A 142 0.89 13.08 15.16
N ALA A 143 2.07 13.56 14.79
CA ALA A 143 3.14 12.73 14.29
C ALA A 143 3.96 12.08 15.42
N PHE A 144 3.72 12.50 16.70
CA PHE A 144 4.39 11.97 17.90
C PHE A 144 3.39 11.39 18.91
N PRO A 145 2.62 10.34 18.55
CA PRO A 145 1.65 9.76 19.50
C PRO A 145 2.29 9.02 20.68
N ASP A 146 1.45 8.44 21.56
CA ASP A 146 1.95 7.69 22.72
C ASP A 146 2.64 6.39 22.30
N SER A 147 3.55 5.88 23.13
CA SER A 147 4.27 4.64 22.81
C SER A 147 4.41 3.74 24.06
N ASN A 148 4.87 2.49 23.89
CA ASN A 148 5.04 1.55 24.98
C ASN A 148 6.20 1.92 25.93
N SER A 149 7.19 2.67 25.44
CA SER A 149 8.31 3.16 26.24
C SER A 149 8.82 4.50 25.69
N PRO A 150 9.48 5.36 26.52
CA PRO A 150 9.95 6.65 25.99
C PRO A 150 10.81 6.55 24.73
N ILE A 151 10.65 7.53 23.83
CA ILE A 151 11.35 7.65 22.56
C ILE A 151 12.14 8.96 22.54
N MET A 152 13.42 8.94 22.11
CA MET A 152 14.18 10.17 22.00
C MET A 152 13.93 10.71 20.59
N ASP A 153 13.15 11.80 20.47
CA ASP A 153 12.87 12.41 19.17
C ASP A 153 13.93 13.47 18.86
N THR A 154 14.45 13.48 17.62
CA THR A 154 15.49 14.45 17.26
C THR A 154 15.38 14.95 15.82
N GLU A 155 15.18 16.26 15.64
CA GLU A 155 15.16 16.86 14.32
C GLU A 155 16.60 16.92 13.89
N VAL A 156 16.94 16.26 12.78
CA VAL A 156 18.31 16.18 12.28
C VAL A 156 18.34 16.16 10.74
N GLU A 157 19.44 16.62 10.14
CA GLU A 157 19.62 16.52 8.70
C GLU A 157 19.93 15.06 8.41
N VAL A 158 19.08 14.44 7.61
CA VAL A 158 19.17 13.05 7.24
C VAL A 158 19.67 13.02 5.81
N PRO A 159 20.73 12.23 5.54
CA PRO A 159 21.24 12.20 4.16
C PRO A 159 20.33 11.41 3.24
N GLU A 160 20.14 11.90 2.02
CA GLU A 160 19.34 11.24 0.98
C GLU A 160 20.21 10.74 -0.19
N ARG A 161 21.54 10.77 -0.05
CA ARG A 161 22.50 10.32 -1.06
C ARG A 161 23.71 9.67 -0.35
N ALA A 162 24.62 9.02 -1.11
CA ALA A 162 25.85 8.49 -0.53
C ALA A 162 26.71 9.63 0.06
N TRP A 163 27.45 9.36 1.12
CA TRP A 163 28.27 10.40 1.75
C TRP A 163 29.67 9.92 2.08
N SER A 164 30.62 10.84 2.06
CA SER A 164 31.99 10.56 2.45
C SER A 164 32.35 11.18 3.81
N SER A 165 31.59 12.21 4.26
CA SER A 165 31.77 12.86 5.56
C SER A 165 30.50 13.62 6.00
N GLY A 166 30.45 14.00 7.27
CA GLY A 166 29.38 14.82 7.81
C GLY A 166 28.22 14.13 8.49
N PHE A 167 28.15 12.79 8.47
CA PHE A 167 27.03 12.07 9.07
C PHE A 167 27.48 10.91 9.95
N ASP A 168 28.41 11.20 10.89
CA ASP A 168 28.99 10.20 11.79
C ASP A 168 27.97 9.38 12.56
N TRP A 169 26.95 10.02 13.17
CA TRP A 169 25.91 9.42 14.02
C TRP A 169 25.16 8.26 13.36
N VAL A 170 25.10 8.27 12.03
CA VAL A 170 24.43 7.22 11.27
C VAL A 170 25.23 5.90 11.39
N THR A 171 26.54 5.95 11.09
CA THR A 171 27.39 4.77 11.11
C THR A 171 27.94 4.45 12.51
N ASP A 172 28.00 5.44 13.41
CA ASP A 172 28.49 5.26 14.78
C ASP A 172 27.35 4.79 15.69
N HIS A 173 26.65 3.75 15.25
CA HIS A 173 25.56 3.17 16.02
C HIS A 173 25.78 1.67 16.02
N SER A 174 25.82 1.07 17.22
CA SER A 174 26.06 -0.36 17.36
C SER A 174 24.78 -1.19 17.53
N GLY A 175 23.66 -0.67 17.02
CA GLY A 175 22.37 -1.35 17.11
C GLY A 175 21.71 -1.53 15.77
N LYS A 176 20.39 -1.73 15.77
CA LYS A 176 19.61 -1.95 14.55
C LYS A 176 18.85 -0.69 14.18
N THR A 177 18.83 -0.35 12.89
CA THR A 177 18.19 0.87 12.41
C THR A 177 17.20 0.61 11.24
N VAL A 178 16.00 1.16 11.34
CA VAL A 178 15.02 1.08 10.27
C VAL A 178 15.00 2.48 9.65
N TRP A 179 15.43 2.59 8.40
CA TRP A 179 15.56 3.87 7.70
C TRP A 179 14.52 3.97 6.58
N PHE A 180 13.60 4.92 6.73
CA PHE A 180 12.56 5.17 5.74
C PHE A 180 13.08 6.18 4.73
N VAL A 181 13.22 5.72 3.48
CA VAL A 181 13.70 6.50 2.33
C VAL A 181 12.53 6.87 1.39
N PRO A 182 12.67 7.92 0.56
CA PRO A 182 11.56 8.32 -0.34
C PRO A 182 11.27 7.38 -1.53
N SER A 183 12.29 6.64 -2.00
CA SER A 183 12.12 5.76 -3.17
C SER A 183 13.10 4.59 -3.18
N VAL A 184 12.80 3.54 -3.99
CA VAL A 184 13.70 2.39 -4.15
C VAL A 184 15.05 2.85 -4.67
N ARG A 185 15.05 3.72 -5.72
CA ARG A 185 16.27 4.27 -6.31
C ARG A 185 17.10 5.05 -5.27
N ASN A 186 16.43 5.87 -4.39
CA ASN A 186 17.13 6.60 -3.33
CA ASN A 186 17.11 6.61 -3.32
C ASN A 186 17.68 5.63 -2.28
N GLY A 187 16.91 4.60 -1.96
CA GLY A 187 17.33 3.59 -1.01
C GLY A 187 18.50 2.76 -1.50
N ASN A 188 18.59 2.49 -2.83
CA ASN A 188 19.69 1.69 -3.43
C ASN A 188 21.02 2.39 -3.17
N GLU A 189 21.06 3.72 -3.38
CA GLU A 189 22.23 4.57 -3.18
C GLU A 189 22.71 4.63 -1.71
N ILE A 190 21.78 4.75 -0.77
CA ILE A 190 22.11 4.77 0.64
C ILE A 190 22.58 3.38 1.08
N ALA A 191 21.89 2.32 0.61
CA ALA A 191 22.24 0.92 0.91
C ALA A 191 23.65 0.61 0.44
N ALA A 192 24.02 1.06 -0.77
CA ALA A 192 25.37 0.85 -1.32
C ALA A 192 26.43 1.58 -0.49
N CYS A 193 26.09 2.77 0.00
CA CYS A 193 26.98 3.57 0.84
C CYS A 193 27.20 2.91 2.21
N LEU A 194 26.14 2.29 2.78
CA LEU A 194 26.22 1.59 4.08
C LEU A 194 26.95 0.25 3.92
N THR A 195 26.72 -0.45 2.80
CA THR A 195 27.40 -1.72 2.54
C THR A 195 28.91 -1.52 2.37
N LYS A 196 29.29 -0.43 1.69
CA LYS A 196 30.69 -0.06 1.51
C LYS A 196 31.36 0.19 2.87
N ALA A 197 30.63 0.82 3.81
CA ALA A 197 31.17 1.09 5.14
C ALA A 197 31.12 -0.10 6.13
N GLY A 198 30.84 -1.30 5.61
CA GLY A 198 30.79 -2.52 6.40
C GLY A 198 29.50 -2.76 7.15
N LYS A 199 28.35 -2.55 6.49
CA LYS A 199 27.06 -2.79 7.14
C LYS A 199 26.22 -3.80 6.38
N ARG A 200 25.43 -4.60 7.10
CA ARG A 200 24.52 -5.60 6.54
C ARG A 200 23.16 -4.96 6.31
N VAL A 201 22.81 -4.74 5.05
CA VAL A 201 21.59 -4.05 4.70
C VAL A 201 20.58 -4.96 4.04
N ILE A 202 19.29 -4.78 4.38
CA ILE A 202 18.16 -5.47 3.78
C ILE A 202 17.29 -4.37 3.18
N GLN A 203 16.85 -4.51 1.94
CA GLN A 203 16.04 -3.50 1.29
C GLN A 203 14.63 -3.98 1.10
N LEU A 204 13.65 -3.18 1.54
CA LEU A 204 12.26 -3.58 1.44
C LEU A 204 11.48 -2.62 0.59
N SER A 205 10.66 -3.15 -0.31
CA SER A 205 9.78 -2.35 -1.17
C SER A 205 8.48 -3.13 -1.45
N ARG A 206 7.46 -2.48 -2.04
CA ARG A 206 6.19 -3.15 -2.33
C ARG A 206 6.35 -4.48 -3.09
N LYS A 207 7.13 -4.47 -4.19
CA LYS A 207 7.36 -5.66 -5.00
C LYS A 207 8.19 -6.77 -4.31
N THR A 208 9.15 -6.42 -3.43
CA THR A 208 9.97 -7.45 -2.78
C THR A 208 9.58 -7.79 -1.30
N PHE A 209 8.50 -7.19 -0.76
CA PHE A 209 8.11 -7.28 0.64
C PHE A 209 7.93 -8.70 1.23
N GLU A 210 7.26 -9.64 0.52
CA GLU A 210 7.06 -10.99 1.07
C GLU A 210 8.19 -11.97 0.70
N THR A 211 9.44 -11.50 0.74
CA THR A 211 10.62 -12.31 0.44
C THR A 211 11.80 -11.78 1.26
N GLU A 212 11.98 -10.46 1.25
CA GLU A 212 13.04 -9.82 1.98
C GLU A 212 12.69 -9.59 3.45
N PHE A 213 11.38 -9.47 3.79
CA PHE A 213 10.98 -9.26 5.18
C PHE A 213 11.39 -10.44 6.07
N GLN A 214 11.30 -11.67 5.53
CA GLN A 214 11.68 -12.90 6.22
C GLN A 214 13.16 -12.84 6.67
N LYS A 215 14.02 -12.14 5.89
CA LYS A 215 15.44 -11.96 6.19
C LYS A 215 15.68 -11.18 7.49
N THR A 216 14.75 -10.30 7.88
CA THR A 216 14.88 -9.56 9.13
C THR A 216 14.76 -10.48 10.34
N LYS A 217 13.97 -11.56 10.21
CA LYS A 217 13.74 -12.54 11.25
C LYS A 217 14.73 -13.72 11.18
N ASN A 218 15.29 -14.00 9.99
CA ASN A 218 16.17 -15.15 9.81
C ASN A 218 17.65 -14.85 9.94
N GLN A 219 18.12 -13.70 9.43
CA GLN A 219 19.55 -13.38 9.51
C GLN A 219 19.85 -12.09 10.28
N GLU A 220 21.07 -11.97 10.80
CA GLU A 220 21.49 -10.77 11.50
C GLU A 220 21.57 -9.60 10.50
N TRP A 221 21.31 -8.37 10.97
CA TRP A 221 21.37 -7.19 10.10
C TRP A 221 21.75 -5.91 10.87
N ASP A 222 22.17 -4.86 10.15
CA ASP A 222 22.55 -3.58 10.74
C ASP A 222 21.51 -2.51 10.41
N PHE A 223 21.02 -2.52 9.17
CA PHE A 223 20.05 -1.54 8.71
C PHE A 223 18.99 -2.21 7.83
N VAL A 224 17.79 -1.62 7.85
CA VAL A 224 16.69 -2.01 6.99
C VAL A 224 16.37 -0.73 6.19
N ILE A 225 16.65 -0.72 4.90
CA ILE A 225 16.33 0.43 4.08
C ILE A 225 14.98 0.15 3.49
N THR A 226 13.99 0.96 3.83
CA THR A 226 12.63 0.70 3.39
C THR A 226 11.90 1.92 2.90
N THR A 227 10.93 1.67 2.03
CA THR A 227 10.02 2.69 1.55
C THR A 227 8.80 2.73 2.53
N ASP A 228 7.79 3.57 2.24
CA ASP A 228 6.57 3.73 3.04
C ASP A 228 5.76 2.45 3.27
N ILE A 229 6.12 1.29 2.67
CA ILE A 229 5.37 0.05 2.86
C ILE A 229 5.47 -0.46 4.31
N SER A 230 6.62 -0.29 4.97
CA SER A 230 6.78 -0.76 6.35
C SER A 230 5.97 0.04 7.38
N GLU A 231 5.10 0.97 6.93
CA GLU A 231 4.16 1.73 7.77
C GLU A 231 2.87 0.91 8.07
N MET A 232 2.68 -0.23 7.37
CA MET A 232 1.46 -1.04 7.47
C MET A 232 1.62 -2.40 8.23
N GLY A 233 2.03 -2.35 9.49
CA GLY A 233 2.12 -3.55 10.32
C GLY A 233 3.47 -4.19 10.47
N ALA A 234 4.44 -3.82 9.62
CA ALA A 234 5.79 -4.42 9.66
C ALA A 234 6.54 -4.16 10.97
N ASN A 235 6.74 -5.20 11.79
CA ASN A 235 7.43 -5.04 13.06
C ASN A 235 8.84 -5.55 13.04
N PHE A 236 9.75 -4.80 13.69
CA PHE A 236 11.18 -5.09 13.73
C PHE A 236 11.68 -5.03 15.16
N LYS A 237 12.83 -5.68 15.43
CA LYS A 237 13.42 -5.59 16.76
C LYS A 237 14.60 -4.66 16.64
N ALA A 238 14.28 -3.38 16.39
CA ALA A 238 15.30 -2.34 16.23
C ALA A 238 15.24 -1.28 17.37
N ASP A 239 16.29 -0.48 17.52
CA ASP A 239 16.37 0.58 18.54
C ASP A 239 16.44 1.99 17.92
N ARG A 240 16.34 2.12 16.59
CA ARG A 240 16.40 3.42 15.96
C ARG A 240 15.64 3.49 14.67
N VAL A 241 14.89 4.57 14.47
CA VAL A 241 14.23 4.83 13.21
C VAL A 241 14.80 6.14 12.69
N ILE A 242 15.35 6.11 11.49
CA ILE A 242 15.84 7.30 10.82
C ILE A 242 14.78 7.57 9.76
N ASP A 243 14.18 8.74 9.78
CA ASP A 243 13.11 9.06 8.86
C ASP A 243 13.43 10.31 8.07
N SER A 244 13.57 10.17 6.74
CA SER A 244 13.81 11.30 5.84
C SER A 244 12.59 12.26 5.82
N ARG A 245 11.39 11.73 6.16
CA ARG A 245 10.10 12.45 6.15
C ARG A 245 9.66 12.86 4.72
N ARG A 246 10.25 12.23 3.69
CA ARG A 246 9.94 12.49 2.30
C ARG A 246 9.39 11.26 1.58
N CYS A 247 8.62 11.48 0.53
CA CYS A 247 7.94 10.44 -0.24
C CYS A 247 7.65 10.92 -1.67
N LEU A 248 7.37 9.98 -2.58
CA LEU A 248 7.01 10.33 -3.95
C LEU A 248 5.48 10.39 -4.07
N LYS A 249 4.97 11.38 -4.80
CA LYS A 249 3.52 11.54 -4.93
C LYS A 249 3.11 11.36 -6.38
N PRO A 250 2.31 10.31 -6.70
CA PRO A 250 1.83 10.17 -8.07
C PRO A 250 0.80 11.27 -8.37
N VAL A 251 1.07 12.10 -9.39
CA VAL A 251 0.21 13.22 -9.75
C VAL A 251 -0.25 13.12 -11.22
N ILE A 252 -1.53 13.40 -11.48
CA ILE A 252 -2.06 13.37 -12.84
C ILE A 252 -2.07 14.78 -13.44
N LEU A 253 -1.14 15.05 -14.40
CA LEU A 253 -1.05 16.36 -15.06
C LEU A 253 -2.02 16.44 -16.23
N ASP A 254 -2.90 17.44 -16.20
CA ASP A 254 -3.91 17.73 -17.23
C ASP A 254 -4.76 16.54 -17.68
N GLY A 255 -4.91 15.54 -16.81
CA GLY A 255 -5.65 14.32 -17.14
C GLY A 255 -5.04 13.54 -18.29
N GLU A 256 -3.82 13.90 -18.71
CA GLU A 256 -3.10 13.32 -19.83
C GLU A 256 -2.01 12.34 -19.41
N ARG A 257 -1.41 12.53 -18.21
CA ARG A 257 -0.28 11.68 -17.80
C ARG A 257 -0.08 11.57 -16.28
N VAL A 258 0.76 10.64 -15.82
CA VAL A 258 1.04 10.48 -14.39
C VAL A 258 2.55 10.62 -14.18
N ILE A 259 2.95 11.52 -13.28
CA ILE A 259 4.36 11.73 -12.94
C ILE A 259 4.55 11.38 -11.44
N LEU A 260 5.78 11.09 -11.05
CA LEU A 260 6.10 10.86 -9.65
C LEU A 260 6.75 12.10 -9.09
N ALA A 261 5.94 12.96 -8.45
CA ALA A 261 6.38 14.24 -7.91
C ALA A 261 7.13 14.10 -6.60
N GLY A 262 8.01 15.05 -6.33
CA GLY A 262 8.80 15.04 -5.12
C GLY A 262 10.21 14.52 -5.31
N PRO A 263 10.94 14.02 -4.28
CA PRO A 263 10.50 13.80 -2.88
C PRO A 263 9.87 15.02 -2.21
N MET A 264 8.79 14.77 -1.49
CA MET A 264 8.04 15.80 -0.79
C MET A 264 7.59 15.31 0.61
N PRO A 265 7.16 16.21 1.51
CA PRO A 265 6.83 15.76 2.88
C PRO A 265 5.71 14.71 3.01
N VAL A 266 5.89 13.79 3.97
CA VAL A 266 4.90 12.77 4.25
C VAL A 266 3.75 13.39 5.08
N THR A 267 2.61 12.71 5.16
CA THR A 267 1.50 13.16 6.00
C THR A 267 1.85 12.86 7.48
N HIS A 268 1.08 13.45 8.43
CA HIS A 268 1.29 13.24 9.87
C HIS A 268 1.04 11.77 10.26
N ALA A 269 0.09 11.09 9.57
CA ALA A 269 -0.22 9.68 9.76
C ALA A 269 1.01 8.84 9.41
N SER A 270 1.68 9.13 8.28
CA SER A 270 2.86 8.39 7.87
C SER A 270 4.03 8.65 8.76
N ALA A 271 4.21 9.91 9.20
CA ALA A 271 5.29 10.21 10.12
C ALA A 271 5.07 9.53 11.47
N ALA A 272 3.81 9.43 11.95
CA ALA A 272 3.50 8.74 13.21
C ALA A 272 3.69 7.24 13.08
N GLN A 273 3.31 6.67 11.93
CA GLN A 273 3.45 5.25 11.66
C GLN A 273 4.90 4.85 11.59
N ARG A 274 5.77 5.68 10.97
CA ARG A 274 7.19 5.40 10.83
C ARG A 274 7.89 5.48 12.17
N ARG A 275 7.55 6.46 12.99
CA ARG A 275 8.11 6.60 14.32
C ARG A 275 7.68 5.44 15.24
N GLY A 276 6.45 4.95 15.05
CA GLY A 276 5.83 3.86 15.80
C GLY A 276 6.51 2.52 15.68
N ARG A 277 7.49 2.38 14.74
CA ARG A 277 8.24 1.11 14.59
C ARG A 277 9.15 0.82 15.79
N ILE A 278 9.54 1.86 16.55
CA ILE A 278 10.35 1.78 17.75
C ILE A 278 9.55 2.35 18.96
N GLY A 279 10.10 2.19 20.18
CA GLY A 279 9.46 2.56 21.43
C GLY A 279 8.35 1.60 21.79
N ARG A 280 8.47 0.33 21.36
CA ARG A 280 7.44 -0.71 21.52
C ARG A 280 7.65 -1.72 22.66
N ASN A 281 8.87 -1.79 23.19
CA ASN A 281 9.22 -2.69 24.28
C ASN A 281 9.32 -1.83 25.54
N PRO A 282 8.42 -2.00 26.52
CA PRO A 282 8.49 -1.16 27.74
C PRO A 282 9.75 -1.35 28.59
N ASN A 283 10.45 -2.47 28.38
CA ASN A 283 11.69 -2.78 29.08
C ASN A 283 12.92 -2.17 28.40
N LYS A 284 12.77 -1.61 27.19
CA LYS A 284 13.89 -0.99 26.49
C LYS A 284 13.60 0.47 26.09
N PRO A 285 13.63 1.39 27.08
CA PRO A 285 13.42 2.80 26.74
C PRO A 285 14.66 3.40 26.07
N GLY A 286 14.47 4.53 25.42
CA GLY A 286 15.58 5.22 24.78
C GLY A 286 15.77 4.91 23.31
N ASP A 287 14.75 4.32 22.66
CA ASP A 287 14.83 4.09 21.21
C ASP A 287 14.76 5.45 20.54
N GLU A 288 15.67 5.69 19.61
CA GLU A 288 15.80 6.97 18.95
C GLU A 288 14.96 7.09 17.67
N TYR A 289 14.46 8.30 17.41
CA TYR A 289 13.72 8.63 16.20
C TYR A 289 14.29 9.94 15.62
N MET A 290 15.10 9.78 14.59
CA MET A 290 15.75 10.90 13.95
C MET A 290 15.01 11.31 12.69
N TYR A 291 14.28 12.43 12.73
CA TYR A 291 13.51 12.88 11.57
C TYR A 291 14.18 14.09 10.84
N GLY A 292 14.11 14.08 9.51
CA GLY A 292 14.81 15.04 8.66
C GLY A 292 14.05 16.10 7.88
N GLY A 293 12.81 16.32 8.25
CA GLY A 293 11.95 17.33 7.64
C GLY A 293 10.63 17.43 8.39
N GLY A 294 9.72 18.24 7.86
CA GLY A 294 8.40 18.38 8.44
C GLY A 294 7.34 17.56 7.73
N CYS A 295 6.08 17.70 8.19
CA CYS A 295 4.92 17.02 7.63
C CYS A 295 4.04 17.99 6.90
N ALA A 296 3.37 17.51 5.87
CA ALA A 296 2.39 18.30 5.12
C ALA A 296 1.30 17.36 4.64
N GLU A 297 0.07 17.88 4.44
CA GLU A 297 -1.01 17.02 3.96
CA GLU A 297 -1.07 17.10 3.96
C GLU A 297 -0.96 16.85 2.45
N THR A 298 0.02 16.04 2.02
CA THR A 298 0.28 15.71 0.62
C THR A 298 -0.71 14.72 0.02
N ASP A 299 -1.65 14.17 0.80
CA ASP A 299 -2.67 13.25 0.31
C ASP A 299 -3.72 13.94 -0.58
N GLU A 300 -3.82 15.26 -0.51
CA GLU A 300 -4.78 16.00 -1.32
C GLU A 300 -4.20 16.20 -2.70
N GLY A 301 -4.94 15.75 -3.72
CA GLY A 301 -4.49 15.84 -5.11
C GLY A 301 -3.60 14.70 -5.56
N HIS A 302 -3.44 13.68 -4.71
CA HIS A 302 -2.66 12.47 -4.93
C HIS A 302 -3.52 11.54 -5.84
N ALA A 303 -2.90 10.88 -6.85
CA ALA A 303 -3.66 10.06 -7.80
C ALA A 303 -4.41 8.85 -7.19
N HIS A 304 -3.95 8.30 -6.03
CA HIS A 304 -4.64 7.17 -5.42
C HIS A 304 -6.12 7.44 -5.08
N TRP A 305 -6.51 8.68 -4.71
CA TRP A 305 -7.92 8.97 -4.41
C TRP A 305 -8.79 9.00 -5.67
N LEU A 306 -8.19 9.39 -6.81
CA LEU A 306 -8.85 9.39 -8.10
C LEU A 306 -8.97 7.93 -8.59
N GLU A 307 -7.92 7.13 -8.42
CA GLU A 307 -7.91 5.74 -8.80
C GLU A 307 -8.92 4.92 -7.99
N ALA A 308 -9.13 5.29 -6.72
CA ALA A 308 -10.12 4.62 -5.85
C ALA A 308 -11.54 4.88 -6.34
N ARG A 309 -11.80 6.08 -6.87
CA ARG A 309 -13.09 6.43 -7.46
C ARG A 309 -13.31 5.66 -8.75
N MET A 310 -12.23 5.39 -9.52
CA MET A 310 -12.26 4.59 -10.75
C MET A 310 -12.66 3.16 -10.40
N LEU A 311 -12.17 2.62 -9.27
CA LEU A 311 -12.53 1.28 -8.79
C LEU A 311 -13.99 1.26 -8.32
N LEU A 312 -14.37 2.18 -7.43
CA LEU A 312 -15.71 2.22 -6.85
C LEU A 312 -16.82 2.44 -7.87
N ASP A 313 -16.54 3.17 -8.96
CA ASP A 313 -17.50 3.37 -10.06
C ASP A 313 -17.79 2.09 -10.84
N ASN A 314 -16.88 1.12 -10.80
CA ASN A 314 -17.02 -0.13 -11.53
C ASN A 314 -17.29 -1.34 -10.61
N ILE A 315 -17.91 -1.10 -9.45
CA ILE A 315 -18.25 -2.13 -8.48
C ILE A 315 -19.74 -2.04 -8.26
N TYR A 316 -20.46 -3.16 -8.39
CA TYR A 316 -21.90 -3.17 -8.16
C TYR A 316 -22.20 -3.08 -6.65
N LEU A 317 -23.14 -2.21 -6.30
CA LEU A 317 -23.55 -2.06 -4.90
C LEU A 317 -25.06 -2.42 -4.78
N GLN A 318 -25.92 -1.70 -5.51
CA GLN A 318 -27.35 -1.92 -5.57
C GLN A 318 -27.85 -1.11 -6.74
N ASP A 319 -28.42 -1.77 -7.76
CA ASP A 319 -28.93 -1.16 -9.00
C ASP A 319 -27.90 -0.11 -9.59
N GLY A 320 -28.35 1.10 -9.93
CA GLY A 320 -27.46 2.11 -10.50
C GLY A 320 -26.67 2.91 -9.48
N LEU A 321 -26.81 2.59 -8.19
CA LEU A 321 -26.08 3.27 -7.13
C LEU A 321 -24.59 2.95 -7.15
N ILE A 322 -23.79 3.88 -6.63
CA ILE A 322 -22.34 3.77 -6.59
C ILE A 322 -21.83 4.16 -5.20
N ALA A 323 -20.91 3.37 -4.63
CA ALA A 323 -20.35 3.63 -3.31
C ALA A 323 -19.51 4.90 -3.24
N SER A 324 -19.73 5.66 -2.17
CA SER A 324 -18.99 6.88 -1.91
C SER A 324 -17.71 6.57 -1.15
N LEU A 325 -16.72 7.46 -1.19
CA LEU A 325 -15.51 7.28 -0.40
C LEU A 325 -15.88 7.53 1.08
N TYR A 326 -15.13 6.91 2.01
CA TYR A 326 -15.23 7.09 3.46
C TYR A 326 -15.09 8.61 3.73
N ARG A 327 -16.10 9.22 4.39
CA ARG A 327 -16.27 10.67 4.64
C ARG A 327 -14.98 11.45 5.05
N PRO A 328 -14.16 11.05 6.05
CA PRO A 328 -12.95 11.83 6.35
C PRO A 328 -11.93 11.92 5.20
N GLU A 329 -12.07 11.11 4.13
CA GLU A 329 -11.15 11.19 3.00
C GLU A 329 -11.82 11.51 1.66
N ALA A 330 -13.13 11.83 1.65
CA ALA A 330 -13.87 12.10 0.41
C ALA A 330 -13.46 13.39 -0.35
N ASP A 331 -12.80 14.32 0.34
CA ASP A 331 -12.39 15.59 -0.26
C ASP A 331 -10.97 15.61 -0.81
N LYS A 332 -10.23 14.50 -0.66
CA LYS A 332 -8.87 14.43 -1.19
C LYS A 332 -8.83 14.39 -2.72
N VAL A 333 -9.98 14.28 -3.38
CA VAL A 333 -10.06 14.28 -4.83
C VAL A 333 -11.34 15.00 -5.27
N ALA A 334 -11.29 15.66 -6.41
CA ALA A 334 -12.45 16.36 -6.94
C ALA A 334 -13.00 15.44 -7.99
N ALA A 335 -14.01 14.63 -7.65
CA ALA A 335 -14.56 13.68 -8.63
C ALA A 335 -16.07 13.50 -8.47
N ILE A 336 -16.76 13.21 -9.59
CA ILE A 336 -18.20 12.96 -9.60
C ILE A 336 -18.37 11.45 -9.48
N GLU A 337 -19.23 10.98 -8.56
CA GLU A 337 -19.48 9.55 -8.42
C GLU A 337 -20.23 9.07 -9.66
N GLY A 338 -19.58 8.20 -10.42
CA GLY A 338 -20.12 7.64 -11.64
C GLY A 338 -19.45 8.08 -12.93
N GLU A 339 -18.55 9.08 -12.87
CA GLU A 339 -17.91 9.60 -14.08
C GLU A 339 -16.95 8.58 -14.74
N PHE A 340 -16.43 7.62 -13.96
CA PHE A 340 -15.53 6.59 -14.51
C PHE A 340 -16.21 5.23 -14.67
N LYS A 341 -17.54 5.19 -14.69
CA LYS A 341 -18.27 3.94 -14.84
C LYS A 341 -18.17 3.47 -16.27
N LEU A 342 -17.57 2.29 -16.48
CA LEU A 342 -17.38 1.76 -17.82
C LEU A 342 -18.52 0.80 -18.22
N ARG A 343 -18.72 0.58 -19.54
CA ARG A 343 -19.71 -0.39 -20.02
C ARG A 343 -19.22 -1.81 -19.73
N THR A 344 -20.12 -2.79 -19.78
CA THR A 344 -19.82 -4.17 -19.38
C THR A 344 -18.50 -4.75 -19.97
N GLU A 345 -18.35 -4.69 -21.30
CA GLU A 345 -17.17 -5.23 -21.97
C GLU A 345 -15.87 -4.45 -21.70
N GLN A 346 -15.94 -3.13 -21.53
CA GLN A 346 -14.75 -2.33 -21.23
C GLN A 346 -14.33 -2.49 -19.76
N ARG A 347 -15.31 -2.64 -18.85
CA ARG A 347 -15.04 -2.87 -17.42
C ARG A 347 -14.26 -4.18 -17.25
N LYS A 348 -14.60 -5.21 -18.06
CA LYS A 348 -13.94 -6.52 -18.10
C LYS A 348 -12.48 -6.36 -18.52
N THR A 349 -12.19 -5.46 -19.47
CA THR A 349 -10.84 -5.13 -19.92
C THR A 349 -10.03 -4.45 -18.80
N PHE A 350 -10.67 -3.45 -18.12
CA PHE A 350 -10.13 -2.64 -17.03
C PHE A 350 -9.63 -3.53 -15.90
N VAL A 351 -10.46 -4.52 -15.49
CA VAL A 351 -10.13 -5.49 -14.45
C VAL A 351 -8.95 -6.40 -14.88
N GLU A 352 -8.98 -6.90 -16.13
CA GLU A 352 -7.87 -7.75 -16.59
C GLU A 352 -6.53 -7.01 -16.69
N LEU A 353 -6.52 -5.76 -17.17
CA LEU A 353 -5.29 -4.95 -17.26
C LEU A 353 -4.65 -4.72 -15.87
N MET A 354 -5.46 -4.71 -14.83
CA MET A 354 -4.99 -4.57 -13.46
C MET A 354 -4.58 -5.93 -12.86
N LYS A 355 -5.45 -6.93 -12.95
CA LYS A 355 -5.20 -8.22 -12.32
C LYS A 355 -4.12 -9.04 -13.07
N ARG A 356 -4.24 -9.19 -14.39
CA ARG A 356 -3.27 -9.95 -15.16
C ARG A 356 -2.15 -9.08 -15.71
N GLY A 357 -2.49 -7.90 -16.23
CA GLY A 357 -1.53 -7.00 -16.83
C GLY A 357 -0.62 -6.28 -15.85
N ASP A 358 -1.09 -6.15 -14.59
CA ASP A 358 -0.43 -5.54 -13.43
C ASP A 358 -0.16 -4.05 -13.66
N LEU A 359 -1.04 -3.38 -14.42
CA LEU A 359 -0.89 -1.96 -14.70
C LEU A 359 -1.48 -1.13 -13.57
N PRO A 360 -0.92 0.07 -13.32
CA PRO A 360 -1.56 0.97 -12.33
C PRO A 360 -2.99 1.29 -12.75
N VAL A 361 -3.90 1.47 -11.78
CA VAL A 361 -5.32 1.76 -12.01
C VAL A 361 -5.57 2.81 -13.10
N TRP A 362 -4.95 4.01 -12.98
CA TRP A 362 -5.12 5.11 -13.92
C TRP A 362 -4.82 4.70 -15.34
N LEU A 363 -3.72 3.96 -15.56
CA LEU A 363 -3.28 3.51 -16.86
C LEU A 363 -4.25 2.50 -17.46
N ALA A 364 -4.71 1.55 -16.63
CA ALA A 364 -5.69 0.55 -17.03
C ALA A 364 -7.01 1.19 -17.52
N TYR A 365 -7.45 2.27 -16.84
CA TYR A 365 -8.65 3.01 -17.19
C TYR A 365 -8.45 3.72 -18.52
N GLN A 366 -7.26 4.30 -18.75
CA GLN A 366 -6.98 4.96 -20.04
C GLN A 366 -7.14 4.04 -21.22
N VAL A 367 -6.57 2.84 -21.11
CA VAL A 367 -6.61 1.84 -22.16
C VAL A 367 -8.00 1.23 -22.35
N ALA A 368 -8.63 0.76 -21.27
CA ALA A 368 -9.96 0.15 -21.34
C ALA A 368 -11.02 1.10 -21.86
N SER A 369 -10.99 2.39 -21.43
CA SER A 369 -11.96 3.40 -21.88
C SER A 369 -11.78 3.84 -23.33
N ALA A 370 -10.63 3.53 -23.94
CA ALA A 370 -10.35 3.82 -25.35
C ALA A 370 -10.87 2.69 -26.31
N GLY A 371 -11.51 1.66 -25.73
CA GLY A 371 -12.02 0.52 -26.48
C GLY A 371 -10.96 -0.49 -26.87
N ILE A 372 -9.78 -0.43 -26.24
CA ILE A 372 -8.69 -1.34 -26.57
C ILE A 372 -8.91 -2.65 -25.85
N THR A 373 -8.81 -3.79 -26.55
CA THR A 373 -8.96 -5.12 -25.93
C THR A 373 -7.67 -5.45 -25.13
N TYR A 374 -7.77 -6.34 -24.15
CA TYR A 374 -6.63 -6.67 -23.27
C TYR A 374 -5.31 -7.01 -23.99
N THR A 375 -5.35 -7.92 -24.97
CA THR A 375 -4.15 -8.42 -25.63
C THR A 375 -3.58 -7.48 -26.72
N ASP A 376 -4.32 -6.43 -27.11
CA ASP A 376 -3.87 -5.47 -28.12
C ASP A 376 -2.88 -4.50 -27.47
N ARG A 377 -1.59 -4.53 -27.87
CA ARG A 377 -0.52 -3.72 -27.28
C ARG A 377 0.05 -2.63 -28.16
N ARG A 378 -0.64 -2.30 -29.28
CA ARG A 378 -0.23 -1.27 -30.22
C ARG A 378 -0.06 0.09 -29.54
N TRP A 379 -0.88 0.37 -28.51
CA TRP A 379 -0.76 1.60 -27.71
C TRP A 379 0.62 1.75 -27.02
N CYS A 380 1.31 0.64 -26.68
CA CYS A 380 2.64 0.73 -26.05
C CYS A 380 3.68 1.36 -26.99
N PHE A 381 3.36 1.56 -28.27
CA PHE A 381 4.34 2.04 -29.24
C PHE A 381 3.91 3.25 -30.07
N ASP A 382 2.63 3.62 -30.06
CA ASP A 382 2.16 4.74 -30.89
C ASP A 382 1.94 6.08 -30.13
N GLY A 383 2.69 6.31 -29.07
CA GLY A 383 2.64 7.58 -28.35
C GLY A 383 3.60 8.58 -28.98
N THR A 384 3.57 9.83 -28.52
CA THR A 384 4.47 10.86 -29.04
C THR A 384 5.91 10.64 -28.55
N THR A 385 6.89 11.31 -29.20
CA THR A 385 8.32 11.25 -28.86
C THR A 385 8.59 11.56 -27.37
N ASN A 386 7.88 12.53 -26.77
CA ASN A 386 8.09 12.87 -25.35
C ASN A 386 7.68 11.74 -24.40
N ASN A 387 6.88 10.78 -24.89
CA ASN A 387 6.45 9.62 -24.13
C ASN A 387 7.44 8.44 -24.22
N THR A 388 8.61 8.61 -24.92
CA THR A 388 9.62 7.56 -25.03
C THR A 388 10.12 7.17 -23.66
N ILE A 389 10.07 5.87 -23.32
CA ILE A 389 10.59 5.44 -22.03
C ILE A 389 12.09 5.26 -22.18
N MET A 390 12.86 5.88 -21.26
CA MET A 390 14.31 5.80 -21.31
C MET A 390 14.89 4.86 -20.27
N GLU A 391 15.83 4.04 -20.70
CA GLU A 391 16.52 3.12 -19.78
CA GLU A 391 16.52 3.08 -19.82
C GLU A 391 18.01 3.27 -20.06
N ASP A 392 18.81 3.51 -18.99
CA ASP A 392 20.26 3.74 -19.10
C ASP A 392 20.58 5.04 -19.86
N SER A 393 19.67 6.04 -19.77
CA SER A 393 19.79 7.30 -20.47
C SER A 393 19.73 7.11 -22.00
N VAL A 394 19.03 6.07 -22.48
CA VAL A 394 18.87 5.75 -23.91
C VAL A 394 17.50 5.06 -24.13
N PRO A 395 16.77 5.32 -25.25
CA PRO A 395 15.42 4.73 -25.39
C PRO A 395 15.34 3.22 -25.20
N ALA A 396 14.40 2.78 -24.36
CA ALA A 396 14.19 1.35 -24.10
C ALA A 396 13.64 0.67 -25.35
N GLU A 397 14.09 -0.56 -25.61
CA GLU A 397 13.65 -1.28 -26.79
C GLU A 397 13.06 -2.63 -26.44
N VAL A 398 11.95 -3.01 -27.09
CA VAL A 398 11.34 -4.31 -26.90
C VAL A 398 11.07 -4.97 -28.23
N TRP A 399 10.99 -6.31 -28.23
CA TRP A 399 10.62 -7.04 -29.43
C TRP A 399 9.15 -7.25 -29.28
N THR A 400 8.38 -6.74 -30.21
CA THR A 400 6.93 -6.89 -30.20
C THR A 400 6.52 -8.35 -30.46
N LYS A 401 5.25 -8.68 -30.16
CA LYS A 401 4.72 -10.02 -30.42
C LYS A 401 4.78 -10.39 -31.92
N TYR A 402 5.01 -9.41 -32.82
CA TYR A 402 5.15 -9.63 -34.25
C TYR A 402 6.58 -9.97 -34.72
N GLY A 403 7.55 -9.99 -33.82
CA GLY A 403 8.93 -10.25 -34.15
C GLY A 403 9.67 -9.02 -34.66
N GLU A 404 9.17 -7.81 -34.33
CA GLU A 404 9.76 -6.55 -34.77
C GLU A 404 10.38 -5.84 -33.56
N LYS A 405 11.45 -5.06 -33.76
CA LYS A 405 12.09 -4.33 -32.67
C LYS A 405 11.52 -2.92 -32.62
N ARG A 406 11.05 -2.47 -31.46
CA ARG A 406 10.44 -1.16 -31.31
C ARG A 406 10.84 -0.43 -30.03
N VAL A 407 10.89 0.90 -30.10
CA VAL A 407 11.18 1.75 -28.96
C VAL A 407 9.87 1.83 -28.14
N LEU A 408 9.98 1.70 -26.81
CA LEU A 408 8.84 1.80 -25.92
C LEU A 408 8.36 3.24 -25.87
N LYS A 409 7.17 3.49 -26.42
CA LYS A 409 6.65 4.85 -26.50
C LYS A 409 5.13 4.83 -26.29
N PRO A 410 4.67 4.69 -25.04
CA PRO A 410 3.22 4.51 -24.81
C PRO A 410 2.30 5.68 -25.13
N ARG A 411 1.08 5.41 -25.63
CA ARG A 411 0.08 6.45 -25.91
C ARG A 411 -0.22 7.24 -24.62
N TRP A 412 -0.34 6.54 -23.47
CA TRP A 412 -0.52 7.20 -22.20
C TRP A 412 0.71 6.92 -21.36
N MET A 413 1.23 7.95 -20.72
CA MET A 413 2.43 7.84 -19.92
C MET A 413 2.15 7.82 -18.40
N ASP A 414 2.56 6.76 -17.71
CA ASP A 414 2.41 6.64 -16.28
C ASP A 414 3.78 6.31 -15.71
N ALA A 415 4.38 7.24 -14.99
CA ALA A 415 5.70 7.08 -14.41
C ALA A 415 5.88 5.83 -13.56
N ARG A 416 4.79 5.28 -13.01
CA ARG A 416 4.88 4.09 -12.16
C ARG A 416 5.31 2.82 -12.92
N VAL A 417 5.13 2.77 -14.25
CA VAL A 417 5.56 1.61 -15.03
C VAL A 417 7.08 1.56 -15.32
N CYS A 418 7.83 2.57 -14.89
CA CYS A 418 9.27 2.65 -15.15
C CYS A 418 9.99 3.45 -14.06
N SER A 419 9.52 3.35 -12.82
CA SER A 419 10.11 4.06 -11.70
C SER A 419 11.35 3.35 -11.08
N ASP A 420 11.70 2.19 -11.59
CA ASP A 420 12.82 1.37 -11.16
C ASP A 420 13.02 0.27 -12.22
N HIS A 421 14.15 -0.46 -12.14
CA HIS A 421 14.48 -1.52 -13.09
C HIS A 421 13.42 -2.63 -13.12
N ALA A 422 12.87 -3.02 -11.98
CA ALA A 422 11.85 -4.07 -11.90
C ALA A 422 10.51 -3.65 -12.53
N ALA A 423 10.06 -2.41 -12.31
CA ALA A 423 8.81 -1.94 -12.91
C ALA A 423 8.96 -1.93 -14.47
N LEU A 424 10.06 -1.35 -15.00
CA LEU A 424 10.34 -1.30 -16.43
C LEU A 424 10.53 -2.70 -17.04
N LYS A 425 11.19 -3.63 -16.31
CA LYS A 425 11.35 -5.00 -16.79
C LYS A 425 9.97 -5.67 -17.00
N SER A 426 9.06 -5.41 -16.04
CA SER A 426 7.69 -5.92 -16.04
C SER A 426 6.84 -5.27 -17.14
N PHE A 427 7.05 -3.98 -17.41
CA PHE A 427 6.30 -3.27 -18.44
C PHE A 427 6.77 -3.68 -19.83
N LYS A 428 8.07 -3.98 -20.00
CA LYS A 428 8.60 -4.43 -21.28
C LYS A 428 8.00 -5.79 -21.65
N GLU A 429 7.87 -6.72 -20.67
CA GLU A 429 7.24 -8.03 -20.90
C GLU A 429 5.78 -7.82 -21.34
N PHE A 430 5.08 -6.86 -20.71
CA PHE A 430 3.70 -6.53 -21.03
C PHE A 430 3.60 -6.00 -22.47
N ALA A 431 4.45 -5.04 -22.84
CA ALA A 431 4.47 -4.46 -24.19
C ALA A 431 4.81 -5.51 -25.28
N ALA A 432 5.59 -6.54 -24.90
CA ALA A 432 5.95 -7.63 -25.83
C ALA A 432 4.87 -8.73 -25.95
N GLY A 433 3.76 -8.62 -25.22
CA GLY A 433 2.71 -9.62 -25.24
C GLY A 433 3.03 -10.86 -24.42
N LYS A 434 3.97 -10.76 -23.47
CA LYS A 434 4.34 -11.91 -22.65
C LYS A 434 3.36 -12.19 -21.50
N ARG A 435 2.38 -11.30 -21.27
CA ARG A 435 1.34 -11.60 -20.27
C ARG A 435 0.01 -10.93 -20.62
#